data_3ZYW
#
_entry.id   3ZYW
#
_cell.length_a   34.524
_cell.length_b   87.052
_cell.length_c   90.705
_cell.angle_alpha   90.00
_cell.angle_beta   90.00
_cell.angle_gamma   90.00
#
_symmetry.space_group_name_H-M   'P 2 21 21'
#
loop_
_entity.id
_entity.type
_entity.pdbx_description
1 polymer GLUTAREDOXIN-3
2 non-polymer 1,2-ETHANEDIOL
3 water water
#
_entity_poly.entity_id   1
_entity_poly.type   'polypeptide(L)'
_entity_poly.pdbx_seq_one_letter_code
;MKEDLNLRLKKLTHAAPCMLFMKGTPQEPRCGFSKQMVEILHKHNIQFSSFDIFSDEEVRQGLKAYSSWPTYPQLYVSGE
LIGGLDIIKELEASEELDTICPKAAENLYFQ
;
_entity_poly.pdbx_strand_id   A,B
#
# COMPACT_ATOMS: atom_id res chain seq x y z
N ASP A 4 8.55 15.37 -20.90
CA ASP A 4 7.49 14.38 -20.52
C ASP A 4 7.57 14.03 -19.04
N LEU A 5 6.50 14.33 -18.30
CA LEU A 5 6.56 14.32 -16.84
C LEU A 5 6.64 12.90 -16.28
N ASN A 6 5.83 11.99 -16.80
CA ASN A 6 5.86 10.58 -16.38
C ASN A 6 7.23 9.95 -16.50
N LEU A 7 7.91 10.19 -17.62
CA LEU A 7 9.28 9.75 -17.82
C LEU A 7 10.19 10.35 -16.76
N ARG A 8 9.99 11.63 -16.49
CA ARG A 8 10.78 12.34 -15.49
C ARG A 8 10.59 11.74 -14.08
N LEU A 9 9.36 11.38 -13.76
CA LEU A 9 9.01 10.87 -12.42
C LEU A 9 9.46 9.42 -12.25
N LYS A 10 9.45 8.66 -13.35
CA LYS A 10 10.03 7.31 -13.37
C LYS A 10 11.53 7.38 -13.04
N LYS A 11 12.25 8.25 -13.76
CA LYS A 11 13.67 8.45 -13.52
C LYS A 11 13.93 8.90 -12.07
N LEU A 12 13.14 9.84 -11.55
CA LEU A 12 13.37 10.34 -10.17
C LEU A 12 13.17 9.25 -9.10
N THR A 13 12.14 8.44 -9.26
CA THR A 13 11.79 7.39 -8.27
C THR A 13 12.79 6.23 -8.39
N HIS A 14 13.47 6.12 -9.53
CA HIS A 14 14.53 5.10 -9.74
C HIS A 14 15.95 5.74 -9.66
N ALA A 15 16.08 6.97 -9.18
CA ALA A 15 17.37 7.64 -9.15
C ALA A 15 18.37 6.97 -8.23
N ALA A 16 17.89 6.22 -7.24
CA ALA A 16 18.76 5.52 -6.31
C ALA A 16 18.07 4.27 -5.82
N PRO A 17 18.82 3.26 -5.35
CA PRO A 17 18.20 2.07 -4.80
C PRO A 17 17.17 2.37 -3.75
N CYS A 18 17.37 3.42 -2.96
CA CYS A 18 16.33 3.88 -2.05
C CYS A 18 16.17 5.38 -2.10
N MET A 19 14.94 5.82 -2.36
CA MET A 19 14.67 7.23 -2.67
C MET A 19 13.55 7.74 -1.78
N LEU A 20 13.81 8.87 -1.09
CA LEU A 20 12.86 9.48 -0.17
C LEU A 20 12.43 10.86 -0.66
N PHE A 21 11.13 11.02 -0.87
CA PHE A 21 10.52 12.29 -1.27
C PHE A 21 9.99 12.94 0.01
N MET A 22 10.54 14.10 0.37
CA MET A 22 10.29 14.70 1.70
C MET A 22 10.11 16.23 1.66
N LYS A 23 9.60 16.78 2.76
CA LYS A 23 9.73 18.22 2.98
C LYS A 23 11.12 18.55 3.56
N GLY A 24 11.92 19.28 2.79
CA GLY A 24 13.28 19.67 3.21
C GLY A 24 14.30 18.63 2.82
N THR A 25 15.34 18.51 3.65
CA THR A 25 16.44 17.58 3.43
C THR A 25 16.65 16.78 4.70
N PRO A 26 17.43 15.69 4.65
CA PRO A 26 17.61 14.92 5.89
C PRO A 26 18.29 15.68 7.06
N GLN A 27 19.08 16.70 6.73
CA GLN A 27 19.83 17.51 7.71
C GLN A 27 18.95 18.68 8.23
N GLU A 28 18.01 19.12 7.40
CA GLU A 28 17.01 20.17 7.71
C GLU A 28 15.61 19.72 7.24
N PRO A 29 15.02 18.76 7.96
CA PRO A 29 13.68 18.30 7.61
C PRO A 29 12.63 19.39 7.98
N ARG A 30 11.77 19.73 7.05
CA ARG A 30 10.85 20.86 7.21
C ARG A 30 9.41 20.47 7.50
N CYS A 31 9.26 19.36 8.22
CA CYS A 31 7.98 18.90 8.70
C CYS A 31 8.28 17.79 9.68
N GLY A 32 7.43 17.63 10.69
CA GLY A 32 7.63 16.56 11.67
C GLY A 32 7.51 15.16 11.07
N PHE A 33 6.63 14.99 10.08
CA PHE A 33 6.47 13.69 9.44
C PHE A 33 7.73 13.33 8.66
N SER A 34 8.26 14.27 7.89
CA SER A 34 9.57 14.09 7.26
C SER A 34 10.73 13.89 8.27
N LYS A 35 10.70 14.61 9.39
CA LYS A 35 11.75 14.48 10.39
C LYS A 35 11.71 13.05 10.98
N GLN A 36 10.52 12.57 11.30
CA GLN A 36 10.39 11.22 11.85
C GLN A 36 10.89 10.18 10.86
N MET A 37 10.52 10.34 9.59
CA MET A 37 11.01 9.42 8.55
C MET A 37 12.55 9.35 8.53
N VAL A 38 13.22 10.52 8.40
CA VAL A 38 14.68 10.54 8.33
C VAL A 38 15.37 10.00 9.57
N GLU A 39 14.81 10.30 10.74
CA GLU A 39 15.35 9.73 11.98
C GLU A 39 15.38 8.19 11.98
N ILE A 40 14.32 7.56 11.46
CA ILE A 40 14.19 6.11 11.48
C ILE A 40 15.19 5.53 10.52
N LEU A 41 15.29 6.13 9.35
CA LEU A 41 16.20 5.65 8.32
C LEU A 41 17.68 5.76 8.77
N HIS A 42 18.05 6.94 9.28
CA HIS A 42 19.38 7.15 9.89
C HIS A 42 19.68 6.17 11.01
N LYS A 43 18.75 6.02 11.94
CA LYS A 43 18.95 5.05 13.03
C LYS A 43 19.21 3.66 12.49
N HIS A 44 18.48 3.24 11.46
CA HIS A 44 18.68 1.92 10.88
C HIS A 44 19.82 1.74 9.92
N ASN A 45 20.57 2.82 9.71
CA ASN A 45 21.70 2.86 8.80
CA ASN A 45 21.69 2.89 8.77
C ASN A 45 21.28 2.54 7.35
N ILE A 46 20.09 3.02 6.95
CA ILE A 46 19.60 2.78 5.62
C ILE A 46 20.30 3.72 4.68
N GLN A 47 20.70 3.18 3.53
CA GLN A 47 21.28 3.96 2.50
C GLN A 47 20.21 4.55 1.59
N PHE A 48 20.09 5.88 1.59
CA PHE A 48 19.04 6.49 0.81
C PHE A 48 19.45 7.84 0.28
N SER A 49 18.91 8.19 -0.89
CA SER A 49 18.97 9.56 -1.42
C SER A 49 17.62 10.21 -1.17
N SER A 50 17.51 11.50 -1.43
CA SER A 50 16.21 12.17 -1.19
C SER A 50 15.95 13.32 -2.13
N PHE A 51 14.69 13.71 -2.21
CA PHE A 51 14.26 14.80 -3.10
C PHE A 51 13.35 15.70 -2.25
N ASP A 52 13.57 17.01 -2.31
CA ASP A 52 12.87 18.00 -1.50
C ASP A 52 11.70 18.49 -2.32
N ILE A 53 10.49 18.13 -1.87
CA ILE A 53 9.27 18.41 -2.66
C ILE A 53 9.01 19.94 -2.74
N PHE A 54 9.51 20.71 -1.76
CA PHE A 54 9.43 22.18 -1.87
C PHE A 54 10.25 22.73 -3.04
N SER A 55 11.22 21.96 -3.55
CA SER A 55 12.08 22.41 -4.66
C SER A 55 11.42 22.44 -6.06
N ASP A 56 10.30 21.75 -6.26
CA ASP A 56 9.75 21.58 -7.60
C ASP A 56 8.28 21.19 -7.46
N GLU A 57 7.38 22.14 -7.70
CA GLU A 57 5.94 21.92 -7.49
C GLU A 57 5.35 20.96 -8.51
N GLU A 58 5.90 20.93 -9.72
CA GLU A 58 5.42 19.98 -10.74
C GLU A 58 5.67 18.54 -10.30
N VAL A 59 6.83 18.29 -9.71
CA VAL A 59 7.14 16.97 -9.19
C VAL A 59 6.27 16.70 -7.96
N ARG A 60 6.14 17.70 -7.09
CA ARG A 60 5.38 17.51 -5.84
C ARG A 60 3.93 17.07 -6.13
N GLN A 61 3.26 17.79 -7.02
CA GLN A 61 1.91 17.42 -7.40
C GLN A 61 1.85 16.24 -8.37
N GLY A 62 2.78 16.16 -9.33
CA GLY A 62 2.79 15.09 -10.34
C GLY A 62 3.04 13.71 -9.74
N LEU A 63 3.95 13.63 -8.75
CA LEU A 63 4.24 12.36 -8.10
C LEU A 63 3.04 11.82 -7.29
N LYS A 64 2.28 12.72 -6.66
CA LYS A 64 1.06 12.31 -5.96
C LYS A 64 0.08 11.63 -6.94
N ALA A 65 -0.05 12.17 -8.17
CA ALA A 65 -0.94 11.58 -9.16
C ALA A 65 -0.34 10.31 -9.77
N TYR A 66 0.95 10.35 -10.09
CA TYR A 66 1.70 9.23 -10.67
C TYR A 66 1.66 7.98 -9.75
N SER A 67 1.81 8.18 -8.45
CA SER A 67 1.86 7.11 -7.45
CA SER A 67 1.84 7.06 -7.50
C SER A 67 0.52 6.83 -6.76
N SER A 68 -0.47 7.66 -7.04
CA SER A 68 -1.76 7.61 -6.34
C SER A 68 -1.60 7.58 -4.81
N TRP A 69 -0.63 8.33 -4.31
CA TRP A 69 -0.35 8.45 -2.89
C TRP A 69 -0.39 9.94 -2.53
N PRO A 70 -1.45 10.37 -1.81
CA PRO A 70 -1.85 11.78 -1.68
C PRO A 70 -1.02 12.67 -0.73
N THR A 71 0.02 12.11 -0.10
CA THR A 71 0.89 12.89 0.82
C THR A 71 2.37 12.53 0.76
N TYR A 72 3.15 13.24 1.58
CA TYR A 72 4.54 12.95 1.81
C TYR A 72 4.83 12.86 3.32
N PRO A 73 5.92 12.21 3.72
CA PRO A 73 6.95 11.61 2.84
C PRO A 73 6.55 10.31 2.17
N GLN A 74 7.23 10.02 1.07
CA GLN A 74 7.02 8.80 0.32
C GLN A 74 8.39 8.17 0.18
N LEU A 75 8.52 6.91 0.61
CA LEU A 75 9.74 6.09 0.40
C LEU A 75 9.59 5.10 -0.74
N TYR A 76 10.56 5.14 -1.63
CA TYR A 76 10.69 4.20 -2.75
C TYR A 76 11.91 3.32 -2.52
N VAL A 77 11.79 2.03 -2.84
CA VAL A 77 12.94 1.12 -2.85
C VAL A 77 12.93 0.38 -4.16
N SER A 78 14.09 0.30 -4.80
CA SER A 78 14.18 -0.23 -6.14
C SER A 78 13.13 0.32 -7.10
N GLY A 79 12.74 1.59 -6.93
CA GLY A 79 11.74 2.23 -7.79
C GLY A 79 10.29 1.99 -7.43
N GLU A 80 10.06 1.14 -6.42
CA GLU A 80 8.72 0.72 -6.02
C GLU A 80 8.24 1.53 -4.83
N LEU A 81 6.99 1.96 -4.80
CA LEU A 81 6.50 2.70 -3.64
C LEU A 81 6.31 1.80 -2.45
N ILE A 82 7.07 2.06 -1.40
CA ILE A 82 6.91 1.32 -0.17
C ILE A 82 5.74 1.91 0.62
N GLY A 83 5.70 3.24 0.70
CA GLY A 83 4.63 3.94 1.36
C GLY A 83 5.10 5.18 2.07
N GLY A 84 4.43 5.51 3.17
CA GLY A 84 4.82 6.64 3.98
C GLY A 84 5.23 6.27 5.38
N LEU A 85 5.06 7.25 6.26
CA LEU A 85 5.53 7.17 7.61
C LEU A 85 4.90 6.02 8.36
N ASP A 86 3.60 5.79 8.20
CA ASP A 86 2.97 4.72 9.01
C ASP A 86 3.55 3.33 8.66
N ILE A 87 3.79 3.09 7.38
CA ILE A 87 4.31 1.82 6.86
C ILE A 87 5.76 1.65 7.32
N ILE A 88 6.54 2.72 7.26
CA ILE A 88 7.93 2.62 7.71
C ILE A 88 7.98 2.26 9.21
N LYS A 89 7.12 2.86 10.02
CA LYS A 89 7.01 2.49 11.46
C LYS A 89 6.59 1.04 11.74
N GLU A 90 5.66 0.53 10.93
CA GLU A 90 5.19 -0.83 11.13
CA GLU A 90 5.17 -0.83 11.05
C GLU A 90 6.27 -1.83 10.72
N LEU A 91 7.03 -1.53 9.67
CA LEU A 91 8.17 -2.36 9.26
C LEU A 91 9.29 -2.38 10.28
N GLU A 92 9.52 -1.21 10.89
CA GLU A 92 10.50 -1.07 11.95
C GLU A 92 10.04 -1.95 13.11
N ALA A 93 8.78 -1.79 13.46
CA ALA A 93 8.18 -2.48 14.61
C ALA A 93 8.20 -4.01 14.41
N SER A 94 7.95 -4.46 13.18
CA SER A 94 7.98 -5.89 12.83
C SER A 94 9.40 -6.40 12.46
N GLU A 95 10.37 -5.48 12.43
CA GLU A 95 11.78 -5.79 12.17
C GLU A 95 12.09 -6.23 10.74
N GLU A 96 11.28 -5.77 9.79
CA GLU A 96 11.42 -6.10 8.40
C GLU A 96 11.98 -4.92 7.59
N LEU A 97 12.09 -3.75 8.22
CA LEU A 97 12.63 -2.56 7.54
C LEU A 97 14.02 -2.79 6.99
N ASP A 98 14.88 -3.38 7.80
CA ASP A 98 16.26 -3.62 7.44
C ASP A 98 16.39 -4.64 6.33
N THR A 99 15.41 -5.55 6.22
CA THR A 99 15.36 -6.55 5.15
C THR A 99 14.98 -5.91 3.81
N ILE A 100 13.98 -5.04 3.84
CA ILE A 100 13.42 -4.41 2.62
C ILE A 100 14.40 -3.40 2.04
N CYS A 101 15.04 -2.62 2.91
CA CYS A 101 15.87 -1.50 2.46
C CYS A 101 17.35 -1.87 2.26
N PRO A 102 18.05 -1.11 1.41
CA PRO A 102 19.48 -1.28 1.19
C PRO A 102 20.31 -0.62 2.31
N LYS A 103 21.55 -1.08 2.47
CA LYS A 103 22.54 -0.41 3.32
C LYS A 103 23.90 -0.41 2.63
N ALA A 104 24.73 0.57 2.99
CA ALA A 104 26.07 0.74 2.41
C ALA A 104 27.04 -0.27 3.01
N ALA A 105 27.99 -0.69 2.20
CA ALA A 105 29.19 -1.37 2.66
C ALA A 105 29.85 -0.58 3.79
N GLU A 106 30.30 -1.29 4.83
CA GLU A 106 31.08 -0.63 5.88
C GLU A 106 32.54 -1.08 5.90
N ASN A 107 33.10 -1.43 4.74
CA ASN A 107 34.51 -1.88 4.66
C ASN A 107 35.48 -0.72 4.97
N LEU A 108 36.71 -1.06 5.35
CA LEU A 108 37.73 -0.07 5.74
C LEU A 108 38.47 0.40 4.48
N TYR A 109 39.02 1.61 4.49
CA TYR A 109 39.79 2.16 3.36
C TYR A 109 41.28 2.22 3.75
N PHE A 110 41.66 1.33 4.66
CA PHE A 110 43.05 1.17 5.11
C PHE A 110 43.33 -0.28 5.55
N GLN A 111 44.60 -0.66 5.50
CA GLN A 111 45.14 -1.96 5.96
C GLN A 111 46.19 -1.72 7.08
N MET B 1 -10.43 -25.28 23.34
CA MET B 1 -9.59 -24.89 22.16
C MET B 1 -10.27 -23.78 21.37
N LYS B 2 -9.48 -22.79 20.98
CA LYS B 2 -9.96 -21.78 20.02
C LYS B 2 -10.38 -22.45 18.71
N GLU B 3 -11.33 -21.82 18.03
CA GLU B 3 -11.77 -22.28 16.72
C GLU B 3 -10.53 -22.45 15.81
N ASP B 4 -10.58 -23.49 15.01
CA ASP B 4 -9.51 -23.80 14.11
C ASP B 4 -9.35 -22.58 13.16
N LEU B 5 -8.13 -22.13 12.97
CA LEU B 5 -7.87 -20.92 12.17
C LEU B 5 -8.23 -21.06 10.67
N ASN B 6 -7.93 -22.20 10.06
CA ASN B 6 -8.31 -22.42 8.66
C ASN B 6 -9.84 -22.32 8.50
N LEU B 7 -10.59 -22.90 9.43
CA LEU B 7 -12.05 -22.84 9.39
C LEU B 7 -12.52 -21.39 9.59
N ARG B 8 -11.88 -20.67 10.51
CA ARG B 8 -12.17 -19.24 10.69
C ARG B 8 -11.94 -18.42 9.42
N LEU B 9 -10.85 -18.73 8.72
CA LEU B 9 -10.44 -17.96 7.52
C LEU B 9 -11.27 -18.28 6.27
N LYS B 10 -11.68 -19.53 6.15
CA LYS B 10 -12.64 -19.99 5.16
C LYS B 10 -13.93 -19.20 5.32
N LYS B 11 -14.48 -19.13 6.53
CA LYS B 11 -15.74 -18.38 6.76
C LYS B 11 -15.60 -16.91 6.40
N LEU B 12 -14.49 -16.31 6.83
CA LEU B 12 -14.27 -14.89 6.71
C LEU B 12 -14.16 -14.53 5.23
N THR B 13 -13.40 -15.32 4.49
CA THR B 13 -13.18 -15.05 3.05
C THR B 13 -14.47 -15.33 2.22
N HIS B 14 -15.33 -16.20 2.74
CA HIS B 14 -16.64 -16.47 2.14
C HIS B 14 -17.78 -15.66 2.80
N ALA B 15 -17.45 -14.69 3.65
CA ALA B 15 -18.49 -13.98 4.43
C ALA B 15 -19.43 -13.14 3.55
N ALA B 16 -18.98 -12.77 2.37
CA ALA B 16 -19.75 -11.95 1.45
C ALA B 16 -19.33 -12.29 0.02
N PRO B 17 -20.21 -12.05 -0.98
CA PRO B 17 -19.86 -12.31 -2.40
C PRO B 17 -18.56 -11.61 -2.86
N CYS B 18 -18.33 -10.44 -2.28
CA CYS B 18 -17.07 -9.74 -2.46
C CYS B 18 -16.57 -9.28 -1.08
N MET B 19 -15.37 -9.74 -0.73
CA MET B 19 -14.76 -9.49 0.57
C MET B 19 -13.41 -8.82 0.38
N LEU B 20 -13.25 -7.69 1.05
CA LEU B 20 -12.01 -6.94 1.07
C LEU B 20 -11.33 -6.94 2.45
N PHE B 21 -10.08 -7.37 2.47
CA PHE B 21 -9.26 -7.29 3.68
C PHE B 21 -8.37 -6.09 3.53
N MET B 22 -8.55 -5.12 4.43
CA MET B 22 -7.92 -3.79 4.34
C MET B 22 -7.42 -3.29 5.70
N LYS B 23 -6.71 -2.18 5.65
CA LYS B 23 -6.35 -1.43 6.87
C LYS B 23 -7.48 -0.42 7.13
N GLY B 24 -8.16 -0.60 8.26
CA GLY B 24 -9.26 0.32 8.64
C GLY B 24 -10.56 -0.10 7.93
N THR B 25 -11.33 0.91 7.50
CA THR B 25 -12.68 0.73 6.94
C THR B 25 -12.90 1.56 5.67
N PRO B 26 -13.95 1.25 4.89
CA PRO B 26 -14.22 2.06 3.71
C PRO B 26 -14.53 3.53 4.05
N GLN B 27 -15.17 3.80 5.19
CA GLN B 27 -15.42 5.18 5.64
CA GLN B 27 -15.40 5.18 5.63
C GLN B 27 -14.12 5.85 6.14
N GLU B 28 -13.25 5.06 6.79
CA GLU B 28 -12.00 5.56 7.40
C GLU B 28 -10.80 4.65 7.01
N PRO B 29 -10.31 4.72 5.76
CA PRO B 29 -9.28 3.77 5.28
C PRO B 29 -7.94 4.18 5.83
N ARG B 30 -7.20 3.25 6.43
CA ARG B 30 -6.04 3.63 7.26
C ARG B 30 -4.71 3.35 6.60
N CYS B 31 -4.69 3.48 5.28
CA CYS B 31 -3.49 3.37 4.48
C CYS B 31 -3.86 3.81 3.07
N GLY B 32 -2.92 4.43 2.38
CA GLY B 32 -3.08 4.83 0.98
C GLY B 32 -3.47 3.73 0.00
N PHE B 33 -2.99 2.51 0.22
CA PHE B 33 -3.29 1.41 -0.70
C PHE B 33 -4.72 0.93 -0.44
N SER B 34 -5.11 0.87 0.83
CA SER B 34 -6.48 0.52 1.14
C SER B 34 -7.47 1.59 0.64
N LYS B 35 -7.03 2.85 0.67
CA LYS B 35 -7.89 4.00 0.26
C LYS B 35 -8.20 3.88 -1.24
N GLN B 36 -7.14 3.70 -2.02
CA GLN B 36 -7.25 3.52 -3.46
C GLN B 36 -8.19 2.37 -3.81
N MET B 37 -8.11 1.26 -3.06
CA MET B 37 -8.93 0.08 -3.36
C MET B 37 -10.41 0.35 -3.15
N VAL B 38 -10.74 0.88 -1.99
CA VAL B 38 -12.11 1.26 -1.70
C VAL B 38 -12.67 2.25 -2.72
N GLU B 39 -11.87 3.22 -3.12
CA GLU B 39 -12.32 4.19 -4.11
C GLU B 39 -12.64 3.56 -5.48
N ILE B 40 -11.82 2.63 -5.94
CA ILE B 40 -12.08 1.91 -7.19
C ILE B 40 -13.39 1.07 -7.12
N LEU B 41 -13.54 0.30 -6.06
CA LEU B 41 -14.73 -0.51 -5.90
C LEU B 41 -15.98 0.38 -5.82
N HIS B 42 -15.90 1.48 -5.07
CA HIS B 42 -16.99 2.43 -5.00
C HIS B 42 -17.31 3.02 -6.35
N LYS B 43 -16.29 3.50 -7.06
CA LYS B 43 -16.43 4.02 -8.44
C LYS B 43 -17.14 3.03 -9.38
N HIS B 44 -16.92 1.73 -9.19
CA HIS B 44 -17.46 0.69 -10.08
C HIS B 44 -18.73 0.08 -9.51
N ASN B 45 -19.32 0.70 -8.49
CA ASN B 45 -20.54 0.19 -7.87
C ASN B 45 -20.46 -1.27 -7.42
N ILE B 46 -19.26 -1.69 -7.02
CA ILE B 46 -19.08 -3.04 -6.62
C ILE B 46 -19.43 -3.16 -5.14
N GLN B 47 -20.44 -3.97 -4.85
CA GLN B 47 -20.88 -4.24 -3.47
CA GLN B 47 -20.89 -4.25 -3.49
C GLN B 47 -19.89 -5.14 -2.76
N PHE B 48 -19.36 -4.67 -1.63
CA PHE B 48 -18.42 -5.51 -0.87
C PHE B 48 -18.57 -5.32 0.64
N SER B 49 -18.14 -6.33 1.36
CA SER B 49 -17.93 -6.25 2.78
C SER B 49 -16.39 -6.21 3.02
N SER B 50 -16.00 -5.79 4.20
CA SER B 50 -14.57 -5.61 4.51
C SER B 50 -14.25 -6.08 5.91
N PHE B 51 -12.97 -6.38 6.12
CA PHE B 51 -12.44 -6.77 7.40
C PHE B 51 -11.19 -5.96 7.62
N ASP B 52 -11.07 -5.47 8.85
CA ASP B 52 -10.01 -4.54 9.24
C ASP B 52 -8.92 -5.35 9.86
N ILE B 53 -7.82 -5.50 9.11
CA ILE B 53 -6.67 -6.27 9.54
C ILE B 53 -6.01 -5.76 10.85
N PHE B 54 -6.24 -4.50 11.22
CA PHE B 54 -5.77 -3.96 12.50
C PHE B 54 -6.56 -4.51 13.68
N SER B 55 -7.73 -5.08 13.42
CA SER B 55 -8.57 -5.63 14.51
C SER B 55 -8.19 -7.04 15.01
N ASP B 56 -7.36 -7.77 14.27
CA ASP B 56 -7.15 -9.17 14.57
C ASP B 56 -5.86 -9.61 13.92
N GLU B 57 -4.83 -9.69 14.74
CA GLU B 57 -3.48 -9.96 14.28
C GLU B 57 -3.38 -11.39 13.76
N GLU B 58 -4.05 -12.34 14.45
CA GLU B 58 -4.07 -13.74 13.99
CA GLU B 58 -4.07 -13.75 14.00
C GLU B 58 -4.61 -13.87 12.56
N VAL B 59 -5.65 -13.13 12.22
CA VAL B 59 -6.21 -13.14 10.86
C VAL B 59 -5.25 -12.45 9.89
N ARG B 60 -4.63 -11.36 10.34
CA ARG B 60 -3.72 -10.57 9.51
C ARG B 60 -2.58 -11.46 9.05
N GLN B 61 -1.98 -12.18 9.99
CA GLN B 61 -0.84 -13.01 9.66
C GLN B 61 -1.31 -14.31 9.02
N GLY B 62 -2.36 -14.90 9.58
CA GLY B 62 -2.96 -16.15 9.11
C GLY B 62 -3.41 -16.15 7.66
N LEU B 63 -4.09 -15.08 7.24
CA LEU B 63 -4.64 -15.03 5.89
C LEU B 63 -3.55 -14.99 4.83
N LYS B 64 -2.44 -14.34 5.13
CA LYS B 64 -1.27 -14.29 4.23
C LYS B 64 -0.79 -15.69 3.92
N ALA B 65 -0.75 -16.56 4.95
CA ALA B 65 -0.29 -17.94 4.74
C ALA B 65 -1.36 -18.85 4.11
N TYR B 66 -2.61 -18.64 4.49
CA TYR B 66 -3.74 -19.40 3.98
C TYR B 66 -3.90 -19.22 2.46
N SER B 67 -3.66 -17.99 2.02
CA SER B 67 -3.88 -17.62 0.61
CA SER B 67 -3.87 -17.54 0.63
C SER B 67 -2.59 -17.46 -0.18
N SER B 68 -1.46 -17.53 0.50
CA SER B 68 -0.14 -17.30 -0.05
C SER B 68 -0.06 -15.95 -0.74
N TRP B 69 -0.72 -14.94 -0.19
CA TRP B 69 -0.62 -13.56 -0.68
C TRP B 69 -0.11 -12.62 0.42
N PRO B 70 1.05 -11.97 0.17
CA PRO B 70 1.76 -11.35 1.28
C PRO B 70 1.34 -9.92 1.62
N THR B 71 0.52 -9.28 0.79
CA THR B 71 0.24 -7.86 0.97
C THR B 71 -1.21 -7.62 1.28
N TYR B 72 -1.49 -6.43 1.79
CA TYR B 72 -2.84 -5.91 1.88
C TYR B 72 -2.95 -4.56 1.16
N PRO B 73 -4.14 -4.20 0.65
CA PRO B 73 -5.40 -4.91 0.73
C PRO B 73 -5.46 -6.13 -0.20
N GLN B 74 -6.38 -7.05 0.09
CA GLN B 74 -6.60 -8.29 -0.64
C GLN B 74 -8.10 -8.35 -0.94
N LEU B 75 -8.44 -8.59 -2.21
CA LEU B 75 -9.83 -8.73 -2.62
C LEU B 75 -10.16 -10.17 -2.96
N TYR B 76 -11.28 -10.66 -2.41
CA TYR B 76 -11.86 -11.99 -2.67
C TYR B 76 -13.21 -11.85 -3.34
N VAL B 77 -13.48 -12.77 -4.26
CA VAL B 77 -14.82 -12.88 -4.90
C VAL B 77 -15.25 -14.34 -4.84
N SER B 78 -16.44 -14.56 -4.27
CA SER B 78 -16.97 -15.90 -4.00
C SER B 78 -15.95 -16.75 -3.24
N GLY B 79 -15.22 -16.12 -2.32
CA GLY B 79 -14.18 -16.80 -1.53
C GLY B 79 -12.85 -17.11 -2.20
N GLU B 80 -12.69 -16.65 -3.44
CA GLU B 80 -11.49 -16.87 -4.22
C GLU B 80 -10.68 -15.56 -4.32
N LEU B 81 -9.37 -15.65 -4.06
CA LEU B 81 -8.51 -14.49 -4.11
C LEU B 81 -8.45 -13.94 -5.50
N ILE B 82 -8.72 -12.65 -5.64
CA ILE B 82 -8.45 -11.94 -6.90
C ILE B 82 -6.99 -11.45 -6.87
N GLY B 83 -6.60 -10.85 -5.76
CA GLY B 83 -5.24 -10.29 -5.59
C GLY B 83 -5.23 -9.00 -4.81
N GLY B 84 -4.18 -8.20 -5.05
CA GLY B 84 -3.96 -6.95 -4.34
C GLY B 84 -4.37 -5.77 -5.21
N LEU B 85 -3.85 -4.60 -4.90
CA LEU B 85 -4.25 -3.38 -5.65
C LEU B 85 -3.75 -3.40 -7.09
N ASP B 86 -2.57 -3.96 -7.33
CA ASP B 86 -2.06 -3.94 -8.71
C ASP B 86 -2.96 -4.67 -9.72
N ILE B 87 -3.48 -5.80 -9.29
CA ILE B 87 -4.36 -6.62 -10.11
C ILE B 87 -5.68 -5.94 -10.34
N ILE B 88 -6.28 -5.38 -9.30
CA ILE B 88 -7.52 -4.63 -9.41
C ILE B 88 -7.34 -3.46 -10.37
N LYS B 89 -6.24 -2.74 -10.22
CA LYS B 89 -5.92 -1.67 -11.16
CA LYS B 89 -5.93 -1.63 -11.11
C LYS B 89 -5.78 -2.12 -12.58
N GLU B 90 -5.16 -3.28 -12.77
CA GLU B 90 -4.97 -3.81 -14.12
C GLU B 90 -6.30 -4.18 -14.77
N LEU B 91 -7.14 -4.85 -14.00
CA LEU B 91 -8.51 -5.20 -14.44
C LEU B 91 -9.39 -3.96 -14.79
N GLU B 92 -9.23 -2.89 -14.00
CA GLU B 92 -9.88 -1.63 -14.33
C GLU B 92 -9.40 -1.10 -15.69
N ALA B 93 -8.09 -1.10 -15.93
CA ALA B 93 -7.54 -0.58 -17.22
C ALA B 93 -7.97 -1.39 -18.43
N SER B 94 -8.07 -2.71 -18.24
CA SER B 94 -8.49 -3.63 -19.29
CA SER B 94 -8.49 -3.65 -19.28
C SER B 94 -10.02 -3.72 -19.40
N GLU B 95 -10.72 -3.00 -18.53
CA GLU B 95 -12.18 -3.02 -18.48
C GLU B 95 -12.76 -4.43 -18.24
N GLU B 96 -12.11 -5.19 -17.35
CA GLU B 96 -12.51 -6.53 -16.98
CA GLU B 96 -12.56 -6.53 -16.99
C GLU B 96 -12.94 -6.59 -15.52
N LEU B 97 -12.65 -5.53 -14.76
CA LEU B 97 -13.01 -5.54 -13.33
C LEU B 97 -14.50 -5.86 -13.09
N ASP B 98 -15.39 -5.27 -13.89
CA ASP B 98 -16.83 -5.42 -13.69
C ASP B 98 -17.36 -6.81 -14.09
N THR B 99 -16.54 -7.56 -14.83
CA THR B 99 -16.79 -8.97 -15.20
C THR B 99 -16.32 -9.96 -14.12
N ILE B 100 -15.18 -9.67 -13.50
CA ILE B 100 -14.56 -10.55 -12.54
C ILE B 100 -15.38 -10.46 -11.26
N CYS B 101 -15.89 -9.26 -10.95
CA CYS B 101 -16.70 -9.04 -9.77
C CYS B 101 -18.19 -9.15 -10.11
N PRO B 102 -19.02 -9.42 -9.09
CA PRO B 102 -20.44 -9.41 -9.34
C PRO B 102 -20.90 -8.02 -9.78
N LYS B 103 -21.93 -8.03 -10.64
CA LYS B 103 -22.51 -6.83 -11.20
C LYS B 103 -23.87 -6.57 -10.53
N ALA B 104 -23.93 -5.53 -9.70
CA ALA B 104 -25.18 -5.06 -9.04
C ALA B 104 -26.26 -4.60 -10.03
N ALA B 105 -27.49 -4.99 -9.72
CA ALA B 105 -28.70 -4.39 -10.27
C ALA B 105 -28.71 -2.89 -10.01
N GLU B 106 -29.16 -2.12 -11.01
CA GLU B 106 -29.42 -0.65 -10.89
C GLU B 106 -30.88 -0.29 -11.28
N ASN B 107 -31.85 -1.04 -10.72
CA ASN B 107 -33.27 -0.85 -10.99
C ASN B 107 -33.77 0.39 -10.24
N LEU B 108 -34.91 0.94 -10.66
CA LEU B 108 -35.63 1.96 -9.86
C LEU B 108 -36.45 1.26 -8.81
N TYR B 109 -36.80 1.96 -7.72
CA TYR B 109 -37.65 1.44 -6.63
C TYR B 109 -39.02 2.19 -6.56
N PHE B 110 -39.48 2.64 -7.73
CA PHE B 110 -40.78 3.24 -7.86
C PHE B 110 -41.20 3.09 -9.32
N GLN B 111 -42.51 3.22 -9.53
CA GLN B 111 -43.12 3.33 -10.85
C GLN B 111 -43.88 4.69 -10.94
#